data_5VQP
#
_entry.id   5VQP
#
_cell.length_a   104.390
_cell.length_b   104.390
_cell.length_c   141.900
_cell.angle_alpha   90.00
_cell.angle_beta   90.00
_cell.angle_gamma   120.00
#
_symmetry.space_group_name_H-M   'P 6 2 2'
#
loop_
_entity.id
_entity.type
_entity.pdbx_description
1 polymer 'Transforming growth factor beta-1'
2 branched beta-D-mannopyranose-(1-4)-2-acetamido-2-deoxy-beta-D-glucopyranose-(1-4)-2-acetamido-2-deoxy-beta-D-glucopyranose
#
_entity_poly.entity_id   1
_entity_poly.type   'polypeptide(L)'
_entity_poly.pdbx_seq_one_letter_code
;GPLSTSKTIDMELVKRKRIEAIRGQILSKLRLASPPSQGEVPPGPLPEAVLALYNSTRDRVAGESAEPEPEPEADYYAKE
VTRVLMVETHNEIYDKFKQSTHSIYMFFQTSELREAVPEPVLLSRAELRLLRLKLKVEQHVELYQKYSQNSWRYLSNRLL
APSDSPEWLSFDVTGVVRQWLSRGGEIEGFRLSAHCSCDSRDNTLQVDINGFTTGRRGDLATIHGMNRPFLLLMATPLER
AQHLQSSRHRRALDTNYCFSSTEKNCCVRQLYIDFRKDLGWKWIHEPKGYHANFCLGPCPYIWSLDTQYSKVLALYNQHN
PGASAAPCCVPQALEPLPIVYYVGRKPKVEQLSNMIVRSCKCS
;
_entity_poly.pdbx_strand_id   A
#
loop_
_chem_comp.id
_chem_comp.type
_chem_comp.name
_chem_comp.formula
BMA D-saccharide, beta linking beta-D-mannopyranose 'C6 H12 O6'
NAG D-saccharide, beta linking 2-acetamido-2-deoxy-beta-D-glucopyranose 'C8 H15 N O6'
#
# COMPACT_ATOMS: atom_id res chain seq x y z
N THR A 5 41.93 -3.94 -15.14
CA THR A 5 42.46 -5.21 -15.59
C THR A 5 41.58 -6.37 -15.13
N SER A 6 41.97 -6.99 -14.03
CA SER A 6 41.21 -8.10 -13.47
C SER A 6 39.93 -7.61 -12.81
N LYS A 7 40.08 -6.82 -11.73
CA LYS A 7 38.93 -6.41 -10.92
C LYS A 7 37.84 -5.76 -11.75
N THR A 8 38.23 -5.01 -12.79
CA THR A 8 37.25 -4.34 -13.65
C THR A 8 36.31 -5.34 -14.28
N ILE A 9 36.86 -6.30 -15.03
CA ILE A 9 36.04 -7.34 -15.65
C ILE A 9 35.32 -8.14 -14.58
N ASP A 10 36.01 -8.48 -13.49
CA ASP A 10 35.42 -9.25 -12.39
C ASP A 10 34.13 -8.63 -11.87
N MET A 11 33.94 -7.32 -12.04
CA MET A 11 32.69 -6.68 -11.65
C MET A 11 31.70 -6.58 -12.81
N GLU A 12 32.20 -6.43 -14.04
CA GLU A 12 31.31 -6.48 -15.21
C GLU A 12 30.71 -7.86 -15.38
N LEU A 13 31.42 -8.90 -14.93
CA LEU A 13 30.86 -10.25 -14.98
C LEU A 13 29.69 -10.39 -14.01
N VAL A 14 29.84 -9.85 -12.79
CA VAL A 14 28.78 -9.95 -11.79
C VAL A 14 27.54 -9.20 -12.24
N LYS A 15 27.72 -8.03 -12.85
CA LYS A 15 26.58 -7.30 -13.41
C LYS A 15 25.90 -8.10 -14.51
N ARG A 16 26.69 -8.72 -15.38
CA ARG A 16 26.12 -9.56 -16.43
C ARG A 16 25.42 -10.79 -15.87
N LYS A 17 25.78 -11.22 -14.65
CA LYS A 17 25.09 -12.35 -14.03
C LYS A 17 23.66 -11.97 -13.65
N ARG A 18 23.47 -10.82 -12.99
CA ARG A 18 22.13 -10.43 -12.58
C ARG A 18 21.25 -10.07 -13.78
N ILE A 19 21.84 -9.62 -14.90
CA ILE A 19 21.04 -9.37 -16.09
C ILE A 19 20.32 -10.64 -16.53
N GLU A 20 20.99 -11.78 -16.45
CA GLU A 20 20.30 -13.03 -16.71
C GLU A 20 19.39 -13.43 -15.56
N ALA A 21 19.62 -12.90 -14.36
CA ALA A 21 18.72 -13.18 -13.25
C ALA A 21 17.45 -12.33 -13.35
N ILE A 22 17.62 -11.06 -13.72
CA ILE A 22 16.47 -10.18 -13.94
C ILE A 22 15.68 -10.65 -15.16
N ARG A 23 16.37 -11.14 -16.20
CA ARG A 23 15.69 -11.75 -17.33
C ARG A 23 14.78 -12.89 -16.87
N GLY A 24 15.22 -13.65 -15.85
CA GLY A 24 14.35 -14.66 -15.28
C GLY A 24 13.38 -14.10 -14.28
N GLN A 25 13.76 -13.01 -13.61
CA GLN A 25 12.87 -12.37 -12.64
C GLN A 25 11.63 -11.81 -13.31
N ILE A 26 11.81 -11.08 -14.42
CA ILE A 26 10.68 -10.45 -15.09
C ILE A 26 9.75 -11.50 -15.69
N LEU A 27 10.32 -12.52 -16.33
CA LEU A 27 9.47 -13.56 -16.92
C LEU A 27 8.75 -14.37 -15.84
N SER A 28 9.44 -14.73 -14.76
CA SER A 28 8.77 -15.52 -13.73
C SER A 28 7.67 -14.71 -13.04
N LYS A 29 7.89 -13.41 -12.86
CA LYS A 29 6.87 -12.55 -12.28
C LYS A 29 5.64 -12.43 -13.17
N LEU A 30 5.81 -12.60 -14.48
CA LEU A 30 4.71 -12.52 -15.43
C LEU A 30 4.13 -13.89 -15.77
N ARG A 31 4.72 -14.97 -15.26
CA ARG A 31 4.35 -16.34 -15.62
C ARG A 31 4.46 -16.56 -17.14
N LEU A 32 5.59 -16.15 -17.69
CA LEU A 32 5.87 -16.24 -19.11
C LEU A 32 7.10 -17.12 -19.32
N ALA A 33 6.97 -18.13 -20.19
CA ALA A 33 8.11 -18.96 -20.52
C ALA A 33 9.03 -18.31 -21.53
N SER A 34 8.47 -17.48 -22.41
CA SER A 34 9.18 -16.83 -23.50
C SER A 34 8.74 -15.37 -23.57
N PRO A 35 9.60 -14.49 -24.09
CA PRO A 35 9.17 -13.11 -24.33
C PRO A 35 8.13 -13.05 -25.44
N PRO A 36 7.06 -12.28 -25.25
CA PRO A 36 6.01 -12.19 -26.27
C PRO A 36 6.42 -11.31 -27.44
N SER A 37 5.45 -10.85 -28.23
CA SER A 37 5.70 -10.00 -29.39
C SER A 37 5.34 -8.56 -29.07
N GLN A 38 5.63 -7.68 -30.04
CA GLN A 38 5.30 -6.27 -29.87
C GLN A 38 3.80 -6.04 -29.84
N GLY A 39 3.06 -6.77 -30.67
CA GLY A 39 1.61 -6.64 -30.74
C GLY A 39 1.17 -6.05 -32.07
N GLU A 40 -0.15 -5.97 -32.22
CA GLU A 40 -0.72 -5.45 -33.45
C GLU A 40 -0.48 -3.95 -33.61
N VAL A 41 -0.53 -3.20 -32.50
CA VAL A 41 -0.30 -1.75 -32.54
C VAL A 41 1.18 -1.44 -32.35
N GLY A 44 2.80 2.69 -34.72
CA GLY A 44 3.12 4.04 -34.27
C GLY A 44 3.06 4.20 -32.76
N PRO A 45 2.84 5.43 -32.30
CA PRO A 45 2.75 5.66 -30.86
C PRO A 45 1.58 4.90 -30.23
N LEU A 46 1.71 4.60 -28.95
CA LEU A 46 0.69 3.85 -28.24
C LEU A 46 -0.57 4.69 -28.03
N PRO A 47 -1.72 4.04 -27.85
CA PRO A 47 -2.94 4.79 -27.57
C PRO A 47 -2.85 5.55 -26.25
N GLU A 48 -3.59 6.65 -26.17
CA GLU A 48 -3.57 7.50 -24.99
C GLU A 48 -4.32 6.89 -23.80
N ALA A 49 -5.08 5.81 -24.02
CA ALA A 49 -5.81 5.20 -22.90
C ALA A 49 -4.87 4.40 -22.01
N VAL A 50 -3.88 3.73 -22.59
CA VAL A 50 -2.88 3.03 -21.80
C VAL A 50 -1.75 3.97 -21.37
N LEU A 51 -1.46 5.01 -22.13
CA LEU A 51 -0.45 5.97 -21.71
C LEU A 51 -0.89 6.71 -20.44
N ALA A 52 -2.16 7.13 -20.39
CA ALA A 52 -2.68 7.70 -19.16
C ALA A 52 -2.68 6.68 -18.03
N LEU A 53 -2.92 5.40 -18.36
CA LEU A 53 -2.88 4.36 -17.34
C LEU A 53 -1.43 4.07 -16.92
N TYR A 54 -0.51 4.05 -17.87
CA TYR A 54 0.89 3.90 -17.53
C TYR A 54 1.41 5.12 -16.78
N ASN A 55 1.01 6.32 -17.21
CA ASN A 55 1.39 7.53 -16.49
C ASN A 55 0.85 7.49 -15.07
N SER A 56 -0.38 7.05 -14.89
CA SER A 56 -0.96 7.00 -13.54
C SER A 56 -0.15 6.09 -12.62
N THR A 57 0.50 5.08 -13.17
CA THR A 57 1.26 4.14 -12.36
C THR A 57 2.70 4.56 -12.16
N ARG A 58 3.24 5.40 -13.06
CA ARG A 58 4.66 5.74 -13.00
C ARG A 58 4.97 6.60 -11.78
N ASP A 59 4.08 7.53 -11.40
CA ASP A 59 4.32 8.42 -10.27
C ASP A 59 3.41 8.11 -9.09
N ARG A 60 3.63 6.97 -8.44
CA ARG A 60 2.81 6.59 -7.28
C ARG A 60 3.06 7.56 -6.14
N VAL A 61 1.99 7.99 -5.49
CA VAL A 61 2.11 8.95 -4.41
C VAL A 61 1.82 8.27 -3.08
N ALA A 62 2.17 8.97 -1.99
CA ALA A 62 1.75 8.62 -0.62
C ALA A 62 2.12 7.17 -0.28
N GLY A 63 1.16 6.35 0.15
CA GLY A 63 1.40 4.96 0.52
C GLY A 63 0.32 4.39 1.42
N ALA A 74 2.92 -6.54 -1.19
CA ALA A 74 3.94 -6.65 -2.22
C ALA A 74 4.07 -8.10 -2.71
N ASP A 75 3.07 -8.56 -3.44
CA ASP A 75 3.08 -9.92 -3.97
C ASP A 75 4.19 -10.08 -5.00
N TYR A 76 4.70 -11.30 -5.12
CA TYR A 76 5.81 -11.55 -6.05
C TYR A 76 5.37 -11.42 -7.51
N TYR A 77 4.26 -12.07 -7.87
CA TYR A 77 3.84 -12.09 -9.26
C TYR A 77 3.23 -10.76 -9.66
N ALA A 78 3.28 -10.50 -10.97
CA ALA A 78 2.84 -9.23 -11.53
C ALA A 78 1.37 -8.97 -11.20
N LYS A 79 1.00 -7.69 -11.24
CA LYS A 79 -0.37 -7.27 -10.96
C LYS A 79 -0.92 -6.47 -12.14
N GLU A 80 -2.11 -6.87 -12.61
CA GLU A 80 -2.77 -6.13 -13.68
C GLU A 80 -3.24 -4.78 -13.15
N VAL A 81 -3.06 -3.74 -13.96
CA VAL A 81 -3.40 -2.38 -13.57
C VAL A 81 -4.51 -1.89 -14.48
N THR A 82 -5.62 -1.48 -13.87
CA THR A 82 -6.74 -0.91 -14.61
C THR A 82 -7.31 0.24 -13.80
N ARG A 83 -7.83 1.24 -14.50
CA ARG A 83 -8.47 2.38 -13.88
C ARG A 83 -9.90 2.51 -14.38
N VAL A 84 -10.79 2.95 -13.47
CA VAL A 84 -12.20 3.13 -13.79
C VAL A 84 -12.59 4.54 -13.35
N LEU A 85 -12.99 5.38 -14.31
CA LEU A 85 -13.44 6.72 -13.99
C LEU A 85 -14.80 6.68 -13.29
N MET A 86 -15.03 7.66 -12.43
CA MET A 86 -16.32 7.75 -11.75
C MET A 86 -17.39 8.27 -12.71
N VAL A 87 -18.65 8.02 -12.33
CA VAL A 87 -19.78 8.48 -13.12
C VAL A 87 -19.76 10.00 -13.21
N GLU A 88 -20.06 10.53 -14.39
CA GLU A 88 -19.92 11.97 -14.60
C GLU A 88 -20.87 12.76 -13.71
N THR A 89 -20.34 13.87 -13.20
CA THR A 89 -21.11 14.87 -12.44
C THR A 89 -22.19 15.49 -13.32
N HIS A 90 -23.26 15.97 -12.68
CA HIS A 90 -24.42 16.52 -13.38
C HIS A 90 -25.00 15.47 -14.32
N ASN A 91 -24.52 14.24 -14.18
CA ASN A 91 -24.98 13.09 -14.92
C ASN A 91 -25.41 12.04 -13.91
N GLU A 92 -26.29 11.14 -14.35
CA GLU A 92 -26.95 10.15 -13.48
C GLU A 92 -27.65 10.93 -12.37
N ILE A 93 -27.34 10.68 -11.10
CA ILE A 93 -28.03 11.33 -10.00
C ILE A 93 -27.02 12.12 -9.17
N TYR A 94 -27.26 13.43 -9.08
CA TYR A 94 -26.67 14.28 -8.05
C TYR A 94 -27.77 14.97 -7.25
N ASP A 95 -29.01 14.53 -7.41
CA ASP A 95 -30.14 15.23 -6.78
C ASP A 95 -30.04 15.22 -5.26
N LYS A 96 -29.59 14.12 -4.67
CA LYS A 96 -29.57 14.01 -3.21
C LYS A 96 -28.57 14.98 -2.59
N PHE A 97 -27.44 15.21 -3.25
CA PHE A 97 -26.28 15.85 -2.63
C PHE A 97 -26.07 17.28 -3.11
N LYS A 98 -27.11 17.90 -3.68
CA LYS A 98 -27.00 19.26 -4.19
C LYS A 98 -26.74 20.25 -3.05
N GLN A 99 -25.99 21.30 -3.38
CA GLN A 99 -25.72 22.45 -2.52
C GLN A 99 -24.84 22.12 -1.32
N SER A 100 -24.01 21.08 -1.42
CA SER A 100 -23.00 20.80 -0.40
C SER A 100 -21.69 21.44 -0.89
N THR A 101 -21.47 22.69 -0.48
CA THR A 101 -20.38 23.48 -1.06
C THR A 101 -19.02 22.95 -0.65
N HIS A 102 -18.92 22.30 0.50
CA HIS A 102 -17.64 21.87 1.05
C HIS A 102 -17.41 20.37 0.94
N SER A 103 -18.10 19.70 0.03
CA SER A 103 -18.00 18.25 -0.09
C SER A 103 -18.12 17.84 -1.54
N ILE A 104 -17.19 16.99 -1.99
CA ILE A 104 -17.15 16.47 -3.34
C ILE A 104 -17.52 14.99 -3.30
N TYR A 105 -18.48 14.59 -4.12
CA TYR A 105 -18.99 13.22 -4.13
C TYR A 105 -18.45 12.47 -5.33
N MET A 106 -18.14 11.19 -5.13
CA MET A 106 -17.62 10.34 -6.20
C MET A 106 -18.31 8.98 -6.12
N PHE A 107 -18.85 8.54 -7.24
CA PHE A 107 -19.62 7.30 -7.30
C PHE A 107 -19.14 6.45 -8.46
N PHE A 108 -19.10 5.15 -8.24
CA PHE A 108 -18.65 4.20 -9.24
C PHE A 108 -19.71 3.13 -9.45
N GLN A 109 -19.86 2.71 -10.70
CA GLN A 109 -20.74 1.60 -11.03
C GLN A 109 -20.01 0.29 -10.74
N THR A 110 -20.60 -0.56 -9.90
CA THR A 110 -19.96 -1.81 -9.55
C THR A 110 -19.91 -2.79 -10.71
N SER A 111 -20.82 -2.66 -11.68
CA SER A 111 -20.78 -3.55 -12.84
C SER A 111 -19.48 -3.37 -13.62
N GLU A 112 -19.01 -2.13 -13.76
CA GLU A 112 -17.76 -1.89 -14.45
C GLU A 112 -16.55 -2.00 -13.53
N LEU A 113 -16.75 -2.00 -12.21
CA LEU A 113 -15.66 -2.37 -11.31
C LEU A 113 -15.45 -3.88 -11.29
N ARG A 114 -16.54 -4.65 -11.36
CA ARG A 114 -16.43 -6.09 -11.53
C ARG A 114 -15.93 -6.46 -12.92
N GLU A 115 -16.08 -5.56 -13.89
CA GLU A 115 -15.51 -5.78 -15.22
C GLU A 115 -14.00 -5.74 -15.18
N ALA A 116 -13.42 -4.91 -14.30
CA ALA A 116 -11.97 -4.85 -14.19
C ALA A 116 -11.42 -5.99 -13.36
N VAL A 117 -12.08 -6.33 -12.25
CA VAL A 117 -11.64 -7.36 -11.32
C VAL A 117 -12.72 -8.42 -11.25
N PRO A 118 -12.44 -9.67 -11.68
CA PRO A 118 -13.51 -10.68 -11.69
C PRO A 118 -13.93 -11.16 -10.31
N GLU A 119 -13.00 -11.24 -9.36
CA GLU A 119 -13.31 -11.76 -8.02
C GLU A 119 -12.62 -10.91 -6.96
N PRO A 120 -13.29 -10.63 -5.84
CA PRO A 120 -12.67 -9.80 -4.79
C PRO A 120 -11.32 -10.30 -4.32
N VAL A 121 -11.07 -11.62 -4.37
CA VAL A 121 -9.79 -12.13 -3.87
C VAL A 121 -8.64 -11.68 -4.76
N LEU A 122 -8.91 -11.44 -6.05
CA LEU A 122 -7.84 -11.05 -6.96
C LEU A 122 -7.30 -9.66 -6.65
N LEU A 123 -8.15 -8.77 -6.14
CA LEU A 123 -7.75 -7.39 -5.85
C LEU A 123 -6.71 -7.37 -4.74
N SER A 124 -5.57 -6.77 -5.03
CA SER A 124 -4.51 -6.59 -4.04
C SER A 124 -4.36 -5.15 -3.59
N ARG A 125 -4.61 -4.19 -4.47
CA ARG A 125 -4.52 -2.78 -4.09
C ARG A 125 -5.45 -1.96 -4.97
N ALA A 126 -6.23 -1.09 -4.33
CA ALA A 126 -7.11 -0.15 -5.01
C ALA A 126 -6.89 1.22 -4.39
N GLU A 127 -6.75 2.24 -5.23
CA GLU A 127 -6.53 3.59 -4.73
C GLU A 127 -7.29 4.58 -5.60
N LEU A 128 -8.15 5.37 -4.94
CA LEU A 128 -8.87 6.46 -5.59
C LEU A 128 -7.94 7.66 -5.80
N ARG A 129 -7.96 8.24 -6.98
CA ARG A 129 -7.05 9.33 -7.32
C ARG A 129 -7.80 10.59 -7.73
N LEU A 130 -7.32 11.74 -7.24
CA LEU A 130 -7.92 13.03 -7.52
C LEU A 130 -6.85 14.02 -7.95
N LEU A 131 -7.28 15.14 -8.52
CA LEU A 131 -6.38 16.14 -9.08
C LEU A 131 -6.63 17.48 -8.39
N ARG A 132 -5.67 17.90 -7.56
CA ARG A 132 -5.76 19.17 -6.84
C ARG A 132 -4.87 20.22 -7.49
N LEU A 133 -5.32 21.48 -7.46
CA LEU A 133 -4.60 22.54 -8.14
C LEU A 133 -4.44 23.84 -7.34
N LYS A 134 -4.96 23.91 -6.11
CA LYS A 134 -4.86 25.14 -5.34
C LYS A 134 -3.41 25.38 -4.89
N LEU A 135 -3.06 26.66 -4.74
CA LEU A 135 -1.69 27.04 -4.41
C LEU A 135 -1.55 27.99 -3.24
N LYS A 136 -2.63 28.61 -2.76
CA LYS A 136 -2.52 29.64 -1.74
C LYS A 136 -2.59 29.07 -0.33
N VAL A 137 -3.72 28.46 0.03
CA VAL A 137 -3.99 28.01 1.38
C VAL A 137 -4.00 26.49 1.40
N GLU A 138 -3.50 25.90 2.49
CA GLU A 138 -3.60 24.47 2.69
C GLU A 138 -5.05 24.07 2.94
N GLN A 139 -5.37 22.83 2.59
CA GLN A 139 -6.73 22.32 2.72
C GLN A 139 -6.68 21.01 3.50
N HIS A 140 -7.40 20.95 4.61
CA HIS A 140 -7.50 19.73 5.39
C HIS A 140 -8.81 19.02 5.03
N VAL A 141 -8.70 17.80 4.52
CA VAL A 141 -9.85 17.10 3.95
C VAL A 141 -10.04 15.78 4.68
N GLU A 142 -11.19 15.17 4.44
CA GLU A 142 -11.53 13.86 5.00
C GLU A 142 -12.15 13.00 3.91
N LEU A 143 -12.11 11.70 4.12
CA LEU A 143 -12.68 10.74 3.16
C LEU A 143 -13.67 9.84 3.87
N TYR A 144 -14.82 9.62 3.24
CA TYR A 144 -15.90 8.86 3.84
C TYR A 144 -16.38 7.77 2.88
N GLN A 145 -16.89 6.69 3.46
CA GLN A 145 -17.44 5.58 2.70
C GLN A 145 -18.96 5.55 2.90
N LYS A 146 -19.69 5.43 1.79
CA LYS A 146 -21.15 5.40 1.86
C LYS A 146 -21.64 4.08 2.43
N TYR A 147 -22.51 4.17 3.44
CA TYR A 147 -23.16 3.02 4.04
C TYR A 147 -24.66 3.19 3.86
N SER A 148 -25.32 2.13 3.39
CA SER A 148 -26.78 2.08 3.25
C SER A 148 -27.20 3.26 2.38
N GLN A 149 -28.09 4.13 2.84
CA GLN A 149 -28.55 5.29 2.08
C GLN A 149 -28.21 6.53 2.89
N ASN A 150 -27.24 7.31 2.40
CA ASN A 150 -26.85 8.59 3.00
C ASN A 150 -26.38 8.43 4.44
N SER A 151 -25.70 7.31 4.71
CA SER A 151 -24.95 7.13 5.95
C SER A 151 -23.47 6.99 5.58
N TRP A 152 -22.62 7.79 6.22
CA TRP A 152 -21.23 7.93 5.83
C TRP A 152 -20.32 7.42 6.94
N ARG A 153 -19.30 6.64 6.56
CA ARG A 153 -18.33 6.08 7.48
C ARG A 153 -16.96 6.66 7.16
N TYR A 154 -16.33 7.25 8.17
CA TYR A 154 -15.02 7.87 7.98
C TYR A 154 -13.98 6.84 7.54
N LEU A 155 -13.06 7.28 6.67
CA LEU A 155 -11.98 6.42 6.18
C LEU A 155 -10.62 6.92 6.63
N SER A 156 -10.10 8.01 6.05
CA SER A 156 -8.77 8.48 6.36
C SER A 156 -8.73 10.00 6.37
N ASN A 157 -7.62 10.53 6.88
CA ASN A 157 -7.36 11.95 6.99
C ASN A 157 -6.27 12.35 6.00
N ARG A 158 -6.31 13.60 5.56
CA ARG A 158 -5.28 14.08 4.64
C ARG A 158 -5.18 15.60 4.69
N LEU A 159 -3.97 16.11 4.83
CA LEU A 159 -3.65 17.52 4.66
C LEU A 159 -3.14 17.77 3.25
N LEU A 160 -3.44 18.95 2.72
CA LEU A 160 -3.05 19.29 1.36
C LEU A 160 -2.07 20.46 1.38
N ALA A 161 -0.95 20.29 0.69
CA ALA A 161 0.14 21.26 0.63
C ALA A 161 -0.13 22.29 -0.46
N PRO A 162 0.18 23.55 -0.20
CA PRO A 162 -0.01 24.58 -1.22
C PRO A 162 1.01 24.48 -2.34
N SER A 163 0.71 23.71 -3.39
CA SER A 163 1.58 23.55 -4.53
C SER A 163 1.03 24.36 -5.71
N ASP A 164 1.89 25.18 -6.31
CA ASP A 164 1.47 25.97 -7.47
C ASP A 164 1.13 25.07 -8.65
N SER A 165 2.00 24.10 -8.94
CA SER A 165 1.73 23.11 -9.96
C SER A 165 0.80 22.03 -9.41
N PRO A 166 -0.17 21.57 -10.21
CA PRO A 166 -1.03 20.47 -9.75
C PRO A 166 -0.23 19.21 -9.45
N GLU A 167 -0.65 18.50 -8.41
CA GLU A 167 -0.07 17.23 -8.03
C GLU A 167 -1.20 16.24 -7.74
N TRP A 168 -0.98 14.98 -8.09
CA TRP A 168 -1.99 13.94 -7.90
C TRP A 168 -2.03 13.51 -6.44
N LEU A 169 -3.20 13.06 -6.02
CA LEU A 169 -3.39 12.53 -4.68
C LEU A 169 -4.05 11.16 -4.76
N SER A 170 -3.68 10.28 -3.84
CA SER A 170 -4.23 8.93 -3.81
C SER A 170 -4.69 8.61 -2.39
N PHE A 171 -5.65 7.69 -2.32
CA PHE A 171 -6.20 7.18 -1.06
C PHE A 171 -6.25 5.67 -1.15
N ASP A 172 -5.60 4.99 -0.22
CA ASP A 172 -5.65 3.53 -0.19
C ASP A 172 -7.06 3.11 0.22
N VAL A 173 -7.82 2.53 -0.73
CA VAL A 173 -9.20 2.14 -0.46
C VAL A 173 -9.40 0.68 -0.81
N THR A 174 -8.38 -0.15 -0.56
CA THR A 174 -8.43 -1.54 -1.00
C THR A 174 -9.50 -2.34 -0.25
N GLY A 175 -9.46 -2.31 1.09
CA GLY A 175 -10.44 -3.05 1.86
C GLY A 175 -11.88 -2.69 1.55
N VAL A 176 -12.13 -1.43 1.16
CA VAL A 176 -13.49 -1.03 0.84
C VAL A 176 -13.92 -1.60 -0.50
N VAL A 177 -13.04 -1.52 -1.51
CA VAL A 177 -13.41 -1.98 -2.84
C VAL A 177 -13.61 -3.50 -2.84
N ARG A 178 -12.84 -4.21 -2.03
CA ARG A 178 -13.01 -5.67 -1.96
C ARG A 178 -14.37 -6.03 -1.39
N GLN A 179 -14.87 -5.25 -0.42
CA GLN A 179 -16.22 -5.47 0.07
C GLN A 179 -17.26 -5.07 -0.96
N TRP A 180 -16.97 -4.06 -1.79
CA TRP A 180 -17.91 -3.66 -2.83
C TRP A 180 -18.01 -4.73 -3.92
N LEU A 181 -16.87 -5.30 -4.31
CA LEU A 181 -16.89 -6.33 -5.35
C LEU A 181 -17.60 -7.59 -4.88
N SER A 182 -17.63 -7.85 -3.57
CA SER A 182 -18.20 -9.09 -3.07
C SER A 182 -19.72 -9.02 -2.92
N ARG A 183 -20.25 -7.89 -2.46
CA ARG A 183 -21.67 -7.77 -2.19
C ARG A 183 -22.04 -6.30 -2.21
N GLY A 184 -23.32 -6.01 -2.00
CA GLY A 184 -23.81 -4.65 -1.96
C GLY A 184 -24.44 -4.23 -3.29
N GLY A 185 -25.01 -3.04 -3.25
CA GLY A 185 -25.64 -2.48 -4.44
C GLY A 185 -24.64 -2.20 -5.54
N GLU A 186 -25.17 -1.93 -6.73
CA GLU A 186 -24.35 -1.67 -7.90
C GLU A 186 -23.79 -0.26 -7.93
N ILE A 187 -24.28 0.65 -7.09
CA ILE A 187 -23.81 2.02 -7.06
C ILE A 187 -23.23 2.27 -5.67
N GLU A 188 -21.90 2.26 -5.58
CA GLU A 188 -21.19 2.59 -4.38
C GLU A 188 -20.22 3.73 -4.67
N GLY A 189 -19.76 4.39 -3.62
CA GLY A 189 -18.91 5.55 -3.85
C GLY A 189 -18.36 6.13 -2.56
N PHE A 190 -17.63 7.22 -2.72
CA PHE A 190 -16.93 7.92 -1.65
C PHE A 190 -17.43 9.35 -1.55
N ARG A 191 -16.89 10.07 -0.57
CA ARG A 191 -17.25 11.47 -0.35
C ARG A 191 -16.05 12.17 0.26
N LEU A 192 -15.51 13.15 -0.45
CA LEU A 192 -14.38 13.95 0.03
C LEU A 192 -14.92 15.28 0.53
N SER A 193 -14.93 15.46 1.84
CA SER A 193 -15.48 16.65 2.46
C SER A 193 -14.43 17.32 3.32
N ALA A 194 -14.69 18.60 3.61
CA ALA A 194 -13.74 19.39 4.39
C ALA A 194 -13.68 18.90 5.83
N HIS A 195 -12.50 19.01 6.43
CA HIS A 195 -12.32 18.68 7.84
C HIS A 195 -12.60 19.91 8.69
N CYS A 196 -13.42 19.74 9.72
CA CYS A 196 -13.64 20.82 10.67
C CYS A 196 -13.18 20.40 12.07
N SER A 197 -12.79 21.39 12.85
CA SER A 197 -12.45 21.22 14.25
C SER A 197 -13.34 22.13 15.10
N CYS A 198 -13.76 21.63 16.25
CA CYS A 198 -14.67 22.36 17.13
C CYS A 198 -14.22 22.23 18.57
N ASP A 199 -14.02 23.36 19.23
CA ASP A 199 -13.70 23.44 20.66
C ASP A 199 -14.72 24.35 21.34
N SER A 200 -15.35 23.84 22.39
CA SER A 200 -16.46 24.52 23.03
C SER A 200 -16.03 25.04 24.40
N ARG A 201 -16.42 26.27 24.71
CA ARG A 201 -16.17 26.87 26.01
C ARG A 201 -17.39 27.72 26.40
N ASP A 202 -17.75 27.65 27.68
CA ASP A 202 -18.69 28.58 28.31
C ASP A 202 -19.97 28.76 27.49
N ASN A 203 -20.61 27.64 27.15
CA ASN A 203 -21.87 27.61 26.39
C ASN A 203 -21.72 28.17 24.97
N THR A 204 -20.49 28.36 24.48
CA THR A 204 -20.24 28.82 23.12
C THR A 204 -19.35 27.81 22.41
N LEU A 205 -19.76 27.40 21.21
CA LEU A 205 -19.04 26.39 20.45
C LEU A 205 -18.53 27.03 19.16
N GLN A 206 -17.22 26.98 18.95
CA GLN A 206 -16.58 27.48 17.74
C GLN A 206 -16.33 26.35 16.78
N VAL A 207 -16.61 26.59 15.51
CA VAL A 207 -16.40 25.60 14.46
C VAL A 207 -15.44 26.22 13.45
N ASP A 208 -14.24 25.67 13.37
CA ASP A 208 -13.24 26.15 12.42
C ASP A 208 -13.26 25.18 11.24
N ILE A 209 -13.86 25.62 10.14
CA ILE A 209 -13.96 24.79 8.92
C ILE A 209 -12.66 24.93 8.15
N ASN A 210 -11.98 23.81 7.90
CA ASN A 210 -10.69 23.77 7.23
C ASN A 210 -10.81 22.92 5.96
N GLY A 211 -10.08 23.31 4.91
CA GLY A 211 -10.28 22.69 3.61
C GLY A 211 -11.49 23.24 2.88
N PHE A 212 -11.43 23.31 1.54
CA PHE A 212 -12.49 23.92 0.73
C PHE A 212 -12.73 25.38 1.14
N THR A 213 -11.65 26.16 1.20
CA THR A 213 -11.77 27.57 1.56
C THR A 213 -12.57 28.34 0.52
N THR A 214 -12.45 27.97 -0.76
CA THR A 214 -13.22 28.58 -1.83
C THR A 214 -14.55 27.86 -1.97
N GLY A 215 -15.64 28.63 -2.02
CA GLY A 215 -16.95 28.05 -2.18
C GLY A 215 -17.24 27.48 -3.56
N ARG A 216 -16.39 27.75 -4.54
CA ARG A 216 -16.61 27.25 -5.90
C ARG A 216 -16.60 25.72 -5.97
N ARG A 217 -15.97 25.06 -5.00
CA ARG A 217 -15.78 23.61 -4.98
C ARG A 217 -14.88 23.15 -6.12
N GLY A 218 -15.14 23.64 -7.33
CA GLY A 218 -14.29 23.38 -8.48
C GLY A 218 -12.90 23.95 -8.39
N ASP A 219 -12.60 24.73 -7.34
CA ASP A 219 -11.26 25.25 -7.16
C ASP A 219 -10.32 24.22 -6.52
N LEU A 220 -10.84 23.34 -5.67
CA LEU A 220 -9.99 22.40 -4.97
C LEU A 220 -9.59 21.22 -5.86
N ALA A 221 -10.58 20.51 -6.40
CA ALA A 221 -10.33 19.32 -7.20
C ALA A 221 -10.95 19.45 -8.59
N THR A 222 -10.47 18.64 -9.51
CA THR A 222 -10.99 18.61 -10.87
C THR A 222 -12.12 17.59 -10.95
N ILE A 223 -13.29 18.02 -11.41
CA ILE A 223 -14.49 17.18 -11.36
C ILE A 223 -15.20 17.08 -12.70
N HIS A 224 -14.87 17.93 -13.68
CA HIS A 224 -15.41 17.86 -15.04
C HIS A 224 -14.36 17.35 -16.01
N GLY A 225 -14.83 16.85 -17.15
CA GLY A 225 -13.98 16.46 -18.27
C GLY A 225 -13.03 15.30 -17.97
N MET A 226 -12.00 15.21 -18.80
CA MET A 226 -10.96 14.22 -18.56
C MET A 226 -10.12 14.62 -17.35
N ASN A 227 -9.26 13.69 -16.92
CA ASN A 227 -8.52 13.83 -15.67
C ASN A 227 -9.46 13.97 -14.47
N ARG A 228 -10.66 13.40 -14.59
CA ARG A 228 -11.62 13.38 -13.49
C ARG A 228 -11.26 12.29 -12.50
N PRO A 229 -11.87 12.31 -11.31
CA PRO A 229 -11.59 11.25 -10.32
C PRO A 229 -11.86 9.86 -10.88
N PHE A 230 -10.90 8.97 -10.68
CA PHE A 230 -11.01 7.59 -11.08
C PHE A 230 -10.58 6.71 -9.93
N LEU A 231 -10.74 5.41 -10.11
CA LEU A 231 -10.41 4.41 -9.10
C LEU A 231 -9.38 3.46 -9.70
N LEU A 232 -8.13 3.59 -9.28
CA LEU A 232 -7.05 2.75 -9.81
C LEU A 232 -7.03 1.40 -9.10
N LEU A 233 -6.96 0.33 -9.89
CA LEU A 233 -7.04 -1.02 -9.35
C LEU A 233 -5.82 -1.84 -9.75
N MET A 234 -5.33 -2.67 -8.83
CA MET A 234 -4.21 -3.58 -9.09
C MET A 234 -4.59 -4.97 -8.61
N ALA A 235 -4.75 -5.90 -9.55
CA ALA A 235 -5.22 -7.24 -9.22
C ALA A 235 -4.44 -8.27 -10.02
N THR A 236 -4.52 -9.49 -9.57
CA THR A 236 -3.91 -10.58 -10.32
C THR A 236 -4.85 -11.04 -11.44
N PRO A 237 -4.38 -11.20 -12.68
CA PRO A 237 -5.26 -11.67 -13.75
C PRO A 237 -5.68 -13.12 -13.54
N LEU A 238 -6.80 -13.48 -14.17
CA LEU A 238 -7.43 -14.78 -13.90
C LEU A 238 -6.59 -15.93 -14.44
N GLU A 239 -5.92 -15.74 -15.57
CA GLU A 239 -5.03 -16.77 -16.09
C GLU A 239 -3.93 -17.09 -15.10
N ARG A 240 -3.33 -16.06 -14.49
CA ARG A 240 -2.36 -16.28 -13.43
C ARG A 240 -3.02 -16.81 -12.16
N ALA A 241 -4.31 -16.53 -11.97
CA ALA A 241 -4.92 -16.67 -10.65
C ALA A 241 -4.91 -18.11 -10.15
N GLN A 242 -5.06 -19.06 -11.07
CA GLN A 242 -5.07 -20.47 -10.68
C GLN A 242 -3.86 -20.81 -9.83
N HIS A 243 -4.06 -21.68 -8.85
CA HIS A 243 -3.03 -22.01 -7.86
C HIS A 243 -2.59 -20.70 -7.21
N LEU A 244 -1.30 -20.39 -7.17
CA LEU A 244 -0.78 -19.14 -6.60
C LEU A 244 -1.27 -18.91 -5.17
N LEU A 253 0.95 -8.48 9.46
CA LEU A 253 2.11 -9.24 9.94
C LEU A 253 1.69 -10.56 10.56
N ASP A 254 1.92 -11.65 9.84
CA ASP A 254 1.69 -13.00 10.34
C ASP A 254 3.03 -13.69 10.53
N THR A 255 3.22 -14.29 11.70
CA THR A 255 4.51 -14.90 12.03
C THR A 255 4.70 -16.19 11.26
N ASN A 256 5.95 -16.44 10.86
CA ASN A 256 6.36 -17.66 10.18
C ASN A 256 7.29 -18.45 11.09
N TYR A 257 7.18 -19.78 11.04
CA TYR A 257 8.02 -20.63 11.89
C TYR A 257 8.36 -21.91 11.13
N CYS A 258 9.45 -22.56 11.56
CA CYS A 258 9.98 -23.69 10.80
C CYS A 258 9.15 -24.95 11.00
N PHE A 259 8.52 -25.11 12.15
CA PHE A 259 7.71 -26.31 12.38
C PHE A 259 6.42 -26.27 11.58
N SER A 260 5.85 -25.09 11.36
CA SER A 260 4.56 -25.01 10.70
C SER A 260 4.67 -25.13 9.18
N SER A 261 5.82 -24.80 8.62
CA SER A 261 5.99 -24.83 7.17
C SER A 261 6.11 -26.25 6.63
N THR A 262 6.65 -27.17 7.45
CA THR A 262 6.90 -28.55 7.06
C THR A 262 7.81 -28.67 5.84
N GLU A 263 8.57 -27.61 5.55
CA GLU A 263 9.48 -27.59 4.41
C GLU A 263 10.85 -27.11 4.87
N LYS A 264 11.87 -27.43 4.06
CA LYS A 264 13.22 -27.01 4.35
C LYS A 264 13.49 -25.56 3.94
N ASN A 265 12.46 -24.83 3.51
CA ASN A 265 12.64 -23.48 3.03
C ASN A 265 13.05 -22.56 4.19
N CYS A 266 13.51 -21.36 3.83
CA CYS A 266 13.93 -20.38 4.83
C CYS A 266 12.77 -20.02 5.75
N CYS A 267 13.00 -20.15 7.05
CA CYS A 267 11.95 -19.96 8.05
C CYS A 267 12.58 -19.43 9.33
N VAL A 268 11.80 -19.41 10.41
CA VAL A 268 12.22 -18.85 11.69
C VAL A 268 12.34 -19.98 12.70
N ARG A 269 13.54 -20.16 13.24
CA ARG A 269 13.75 -21.12 14.32
C ARG A 269 13.71 -20.37 15.63
N GLN A 270 12.77 -20.75 16.50
CA GLN A 270 12.65 -20.10 17.79
C GLN A 270 13.72 -20.60 18.74
N LEU A 271 14.26 -19.69 19.55
CA LEU A 271 15.31 -20.03 20.51
C LEU A 271 15.13 -19.17 21.75
N TYR A 272 14.60 -19.76 22.82
CA TYR A 272 14.55 -19.05 24.09
C TYR A 272 15.95 -18.98 24.70
N ILE A 273 16.39 -17.76 25.00
CA ILE A 273 17.71 -17.54 25.58
C ILE A 273 17.53 -17.08 27.02
N ASP A 274 18.04 -17.88 27.96
CA ASP A 274 18.08 -17.52 29.37
C ASP A 274 19.40 -16.82 29.67
N PHE A 275 19.32 -15.72 30.42
CA PHE A 275 20.54 -15.00 30.76
C PHE A 275 21.34 -15.73 31.83
N ARG A 276 20.66 -16.50 32.68
CA ARG A 276 21.35 -17.24 33.74
C ARG A 276 21.94 -18.55 33.25
N LYS A 277 21.20 -19.29 32.44
CA LYS A 277 21.62 -20.63 32.00
C LYS A 277 22.54 -20.60 30.77
N ASP A 278 22.25 -19.75 29.79
CA ASP A 278 23.00 -19.74 28.54
C ASP A 278 24.17 -18.76 28.58
N LEU A 279 23.88 -17.47 28.70
CA LEU A 279 24.93 -16.45 28.74
C LEU A 279 25.68 -16.41 30.07
N GLY A 280 25.13 -17.02 31.12
CA GLY A 280 25.74 -16.94 32.43
C GLY A 280 25.66 -15.58 33.08
N TRP A 281 24.88 -14.66 32.52
CA TRP A 281 24.78 -13.30 33.00
C TRP A 281 23.75 -13.21 34.12
N LYS A 282 24.06 -12.38 35.11
CA LYS A 282 23.16 -12.16 36.24
C LYS A 282 22.80 -10.69 36.41
N TRP A 283 23.32 -9.81 35.57
CA TRP A 283 23.18 -8.37 35.76
C TRP A 283 21.87 -7.83 35.21
N ILE A 284 21.27 -8.51 34.25
CA ILE A 284 19.98 -8.08 33.70
C ILE A 284 18.89 -8.53 34.66
N HIS A 285 18.27 -7.57 35.35
CA HIS A 285 17.24 -7.92 36.31
C HIS A 285 15.97 -8.37 35.62
N GLU A 286 15.55 -7.64 34.58
CA GLU A 286 14.38 -7.98 33.80
C GLU A 286 14.70 -7.74 32.33
N PRO A 287 14.32 -8.65 31.44
CA PRO A 287 13.67 -9.92 31.79
C PRO A 287 14.68 -11.02 32.10
N LYS A 288 14.20 -12.15 32.60
CA LYS A 288 15.11 -13.27 32.88
C LYS A 288 15.52 -13.98 31.59
N GLY A 289 14.71 -13.86 30.54
CA GLY A 289 15.04 -14.43 29.25
C GLY A 289 14.06 -13.94 28.20
N TYR A 290 14.48 -14.02 26.94
CA TYR A 290 13.64 -13.55 25.86
C TYR A 290 13.76 -14.48 24.66
N HIS A 291 12.76 -14.41 23.79
CA HIS A 291 12.65 -15.30 22.65
C HIS A 291 13.41 -14.71 21.46
N ALA A 292 14.72 -14.83 21.51
CA ALA A 292 15.55 -14.47 20.36
C ALA A 292 15.45 -15.57 19.32
N ASN A 293 15.02 -15.23 18.13
CA ASN A 293 14.89 -16.24 17.08
C ASN A 293 15.89 -15.95 15.98
N PHE A 294 16.17 -16.96 15.16
CA PHE A 294 17.11 -16.80 14.06
C PHE A 294 16.52 -17.42 12.80
N CYS A 295 17.09 -17.03 11.66
CA CYS A 295 16.72 -17.58 10.37
C CYS A 295 17.63 -18.74 9.99
N LEU A 296 17.12 -19.61 9.14
CA LEU A 296 17.84 -20.79 8.69
C LEU A 296 17.12 -21.39 7.49
N GLY A 297 17.90 -21.90 6.54
CA GLY A 297 17.35 -22.57 5.39
C GLY A 297 18.03 -22.12 4.11
N PRO A 298 18.06 -22.98 3.11
CA PRO A 298 18.68 -22.59 1.84
C PRO A 298 17.68 -21.99 0.86
N CYS A 299 18.06 -20.88 0.23
CA CYS A 299 17.22 -20.26 -0.79
C CYS A 299 17.65 -20.75 -2.17
N PRO A 300 16.74 -21.32 -2.98
CA PRO A 300 17.10 -21.87 -4.29
C PRO A 300 17.04 -20.83 -5.42
N LEU A 313 14.63 -20.12 -11.99
CA LEU A 313 14.14 -19.16 -11.02
C LEU A 313 12.67 -19.43 -10.70
N ALA A 314 12.13 -20.49 -11.30
CA ALA A 314 10.74 -20.88 -11.04
C ALA A 314 10.52 -21.32 -9.59
N LEU A 315 11.57 -21.79 -8.91
CA LEU A 315 11.47 -22.20 -7.52
C LEU A 315 11.29 -20.99 -6.59
N PRO A 321 12.97 -14.29 -5.54
CA PRO A 321 12.20 -13.07 -5.25
C PRO A 321 13.05 -11.80 -5.30
N GLY A 322 14.25 -11.86 -4.75
CA GLY A 322 15.18 -10.74 -4.81
C GLY A 322 16.01 -10.76 -6.07
N ALA A 323 16.29 -11.96 -6.59
CA ALA A 323 17.07 -12.14 -7.82
C ALA A 323 18.45 -11.49 -7.72
N SER A 324 19.03 -11.54 -6.51
CA SER A 324 20.37 -11.00 -6.28
C SER A 324 21.43 -12.03 -6.65
N ALA A 325 22.70 -11.59 -6.60
CA ALA A 325 23.81 -12.46 -6.93
C ALA A 325 24.09 -13.51 -5.86
N ALA A 326 23.47 -13.38 -4.68
CA ALA A 326 23.67 -14.32 -3.59
C ALA A 326 22.46 -14.27 -2.69
N PRO A 327 21.45 -15.10 -2.94
CA PRO A 327 20.26 -15.13 -2.07
C PRO A 327 20.60 -15.67 -0.69
N CYS A 328 20.12 -14.98 0.34
CA CYS A 328 20.36 -15.38 1.72
C CYS A 328 19.05 -15.51 2.47
N CYS A 329 19.05 -16.32 3.52
CA CYS A 329 17.92 -16.42 4.44
C CYS A 329 18.11 -15.34 5.50
N VAL A 330 17.42 -14.22 5.32
CA VAL A 330 17.58 -13.04 6.18
C VAL A 330 16.26 -12.70 6.85
N PRO A 331 16.28 -12.08 8.02
CA PRO A 331 15.03 -11.70 8.67
C PRO A 331 14.38 -10.49 8.04
N GLN A 332 13.05 -10.47 8.07
CA GLN A 332 12.27 -9.35 7.60
C GLN A 332 11.70 -8.52 8.74
N ALA A 333 10.87 -9.12 9.60
CA ALA A 333 10.27 -8.42 10.72
C ALA A 333 11.16 -8.58 11.96
N LEU A 334 11.38 -7.46 12.66
CA LEU A 334 12.21 -7.43 13.86
C LEU A 334 11.55 -6.56 14.92
N GLU A 335 11.48 -7.08 16.15
CA GLU A 335 10.96 -6.35 17.29
C GLU A 335 12.10 -5.96 18.23
N PRO A 336 11.97 -4.86 18.97
CA PRO A 336 13.00 -4.50 19.94
C PRO A 336 12.87 -5.34 21.20
N LEU A 337 13.83 -5.14 22.11
CA LEU A 337 13.80 -5.82 23.39
C LEU A 337 14.17 -4.85 24.50
N PRO A 338 13.22 -4.47 25.34
CA PRO A 338 13.57 -3.63 26.50
C PRO A 338 14.12 -4.48 27.64
N ILE A 339 15.17 -3.97 28.28
CA ILE A 339 15.82 -4.62 29.41
C ILE A 339 16.02 -3.62 30.54
N VAL A 340 16.34 -4.14 31.73
CA VAL A 340 16.58 -3.34 32.92
C VAL A 340 17.85 -3.86 33.60
N TYR A 341 18.72 -2.93 34.00
CA TYR A 341 19.95 -3.27 34.69
C TYR A 341 20.47 -2.03 35.39
N TYR A 342 21.32 -2.25 36.39
CA TYR A 342 21.87 -1.18 37.20
C TYR A 342 23.27 -0.81 36.73
N VAL A 343 23.54 0.49 36.70
CA VAL A 343 24.89 1.01 36.46
C VAL A 343 25.39 1.60 37.76
N GLY A 344 26.09 0.80 38.54
CA GLY A 344 26.54 1.27 39.84
C GLY A 344 25.33 1.47 40.72
N ARG A 345 25.17 2.69 41.21
CA ARG A 345 24.01 2.98 42.05
C ARG A 345 22.77 3.29 41.22
N LYS A 346 22.94 3.78 40.01
CA LYS A 346 21.74 4.19 39.28
C LYS A 346 21.31 3.12 38.30
N PRO A 347 20.05 2.69 38.35
CA PRO A 347 19.56 1.75 37.35
C PRO A 347 19.28 2.43 36.03
N LYS A 348 19.23 1.63 34.97
CA LYS A 348 18.93 2.12 33.64
C LYS A 348 17.94 1.18 32.97
N VAL A 349 16.91 1.75 32.36
CA VAL A 349 15.92 1.01 31.57
C VAL A 349 16.12 1.41 30.11
N GLU A 350 16.64 0.50 29.30
CA GLU A 350 16.94 0.80 27.91
C GLU A 350 16.31 -0.25 27.00
N GLN A 351 16.15 0.12 25.73
CA GLN A 351 15.55 -0.72 24.71
C GLN A 351 16.57 -1.01 23.63
N LEU A 352 16.75 -2.28 23.30
CA LEU A 352 17.69 -2.70 22.26
C LEU A 352 16.89 -3.03 21.00
N SER A 353 17.24 -2.41 19.88
CA SER A 353 16.47 -2.59 18.66
C SER A 353 16.91 -3.85 17.93
N ASN A 354 15.96 -4.47 17.22
CA ASN A 354 16.25 -5.58 16.32
C ASN A 354 16.88 -6.77 17.05
N MET A 355 16.21 -7.21 18.12
CA MET A 355 16.70 -8.36 18.89
C MET A 355 15.90 -9.64 18.64
N ILE A 356 14.63 -9.52 18.27
CA ILE A 356 13.75 -10.67 18.04
C ILE A 356 13.41 -10.74 16.56
N VAL A 357 13.43 -11.94 16.01
CA VAL A 357 13.10 -12.17 14.60
C VAL A 357 11.68 -12.72 14.53
N ARG A 358 10.82 -12.05 13.77
CA ARG A 358 9.44 -12.47 13.64
C ARG A 358 9.13 -13.09 12.30
N SER A 359 9.94 -12.81 11.27
CA SER A 359 9.67 -13.34 9.94
C SER A 359 10.92 -13.21 9.09
N CYS A 360 11.27 -14.28 8.39
CA CYS A 360 12.43 -14.31 7.51
C CYS A 360 11.99 -14.27 6.05
N LYS A 361 12.96 -14.07 5.17
CA LYS A 361 12.69 -14.05 3.74
C LYS A 361 14.00 -14.26 2.99
N CYS A 362 13.86 -14.62 1.72
CA CYS A 362 15.00 -14.85 0.84
C CYS A 362 15.27 -13.61 0.01
N SER A 363 16.54 -13.23 -0.09
CA SER A 363 16.94 -12.09 -0.91
C SER A 363 18.42 -12.15 -1.28
C1 NAG B . 2.45 10.56 -20.11
C2 NAG B . 1.95 11.73 -20.96
C3 NAG B . 2.83 11.89 -22.19
C4 NAG B . 4.32 11.99 -21.81
C5 NAG B . 4.70 10.84 -20.87
C6 NAG B . 6.10 10.93 -20.30
C7 NAG B . -0.47 11.90 -20.60
C8 NAG B . -1.83 11.62 -21.15
N2 NAG B . 0.57 11.52 -21.35
O3 NAG B . 2.42 13.06 -22.89
O4 NAG B . 5.10 11.89 -22.98
O5 NAG B . 3.81 10.79 -19.75
O6 NAG B . 6.26 10.12 -19.14
O7 NAG B . -0.30 12.43 -19.51
C1 NAG B . 5.47 13.17 -23.54
C2 NAG B . 6.96 13.16 -23.83
C3 NAG B . 7.39 14.47 -24.48
C4 NAG B . 6.56 14.73 -25.73
C5 NAG B . 5.08 14.72 -25.36
C6 NAG B . 4.17 14.88 -26.56
C7 NAG B . 8.91 12.27 -22.62
C8 NAG B . 9.57 12.10 -21.28
N2 NAG B . 7.74 12.91 -22.62
O3 NAG B . 8.78 14.41 -24.80
O4 NAG B . 6.92 15.97 -26.32
O5 NAG B . 4.73 13.48 -24.73
O6 NAG B . 3.21 15.92 -26.35
O7 NAG B . 9.43 11.86 -23.65
C1 BMA B . 7.79 15.73 -27.46
C2 BMA B . 7.20 16.40 -28.72
C3 BMA B . 8.15 16.21 -29.91
C4 BMA B . 9.60 16.61 -29.54
C5 BMA B . 10.06 15.89 -28.27
C6 BMA B . 11.45 16.30 -27.83
O2 BMA B . 7.06 17.81 -28.52
O3 BMA B . 7.71 16.93 -31.04
O4 BMA B . 10.47 16.27 -30.62
O5 BMA B . 9.12 16.20 -27.21
O6 BMA B . 11.96 15.30 -26.96
#